data_1IUF
#
_entry.id   1IUF
#
_entity_poly.entity_id   1
_entity_poly.type   'polypeptide(L)'
_entity_poly.pdbx_seq_one_letter_code
;GIHMGKIKRRAITEHEKRALRHYFFQLQNRSGQQDLIEWFREKFGKDISQPSVSQILSSKYSYLDNTVEKPWDVKRNRPP
KYPLLEAALFEWQVQQGDDATLSGETIKRAAAILWHKIPEYQDQPVPNFSNGWLEGFRKRHILH
;
_entity_poly.pdbx_strand_id   A
#
# COMPACT_ATOMS: atom_id res chain seq x y z
N GLY A 1 3.99 20.86 -11.48
CA GLY A 1 4.19 19.89 -12.58
C GLY A 1 4.18 18.45 -12.09
N ILE A 2 5.14 18.12 -11.22
CA ILE A 2 5.24 16.78 -10.67
C ILE A 2 4.75 16.73 -9.23
N HIS A 3 5.39 17.51 -8.36
CA HIS A 3 5.01 17.56 -6.95
C HIS A 3 5.16 16.17 -6.31
N MET A 4 4.95 16.12 -4.99
CA MET A 4 5.06 14.87 -4.25
C MET A 4 3.76 14.53 -3.53
N GLY A 5 3.01 13.59 -4.08
CA GLY A 5 1.75 13.19 -3.48
C GLY A 5 1.69 11.70 -3.17
N LYS A 6 0.49 11.20 -2.94
CA LYS A 6 0.31 9.79 -2.64
C LYS A 6 -0.02 8.99 -3.90
N ILE A 7 -1.32 8.80 -4.17
CA ILE A 7 -1.77 8.06 -5.35
C ILE A 7 -0.98 6.76 -5.53
N LYS A 8 -0.45 6.51 -6.74
CA LYS A 8 0.31 5.30 -7.01
C LYS A 8 -0.62 4.08 -6.97
N ARG A 9 -1.16 3.73 -8.13
CA ARG A 9 -2.07 2.58 -8.24
C ARG A 9 -3.44 2.93 -7.67
N ARG A 10 -3.52 3.03 -6.34
CA ARG A 10 -4.78 3.36 -5.67
C ARG A 10 -4.58 4.46 -4.63
N ALA A 11 -4.03 4.10 -3.48
CA ALA A 11 -3.79 5.06 -2.41
C ALA A 11 -5.11 5.60 -1.85
N ILE A 12 -5.57 6.73 -2.40
CA ILE A 12 -6.82 7.34 -1.95
C ILE A 12 -6.73 7.75 -0.48
N THR A 13 -7.16 8.97 -0.18
CA THR A 13 -7.13 9.49 1.18
C THR A 13 -8.25 10.51 1.39
N GLU A 14 -8.03 11.46 2.30
CA GLU A 14 -9.03 12.48 2.59
C GLU A 14 -9.06 13.56 1.50
N HIS A 15 -7.88 14.09 1.19
CA HIS A 15 -7.77 15.14 0.18
C HIS A 15 -8.29 14.67 -1.18
N GLU A 16 -8.31 13.36 -1.38
CA GLU A 16 -8.79 12.79 -2.63
C GLU A 16 -10.29 13.03 -2.76
N LYS A 17 -10.97 13.08 -1.63
CA LYS A 17 -12.40 13.31 -1.59
C LYS A 17 -12.70 14.80 -1.67
N ARG A 18 -12.12 15.56 -0.73
CA ARG A 18 -12.32 17.00 -0.67
C ARG A 18 -12.17 17.63 -2.05
N ALA A 19 -11.24 17.11 -2.84
CA ALA A 19 -11.00 17.62 -4.18
C ALA A 19 -12.01 17.04 -5.16
N LEU A 20 -12.44 15.80 -4.89
CA LEU A 20 -13.40 15.13 -5.74
C LEU A 20 -14.77 15.79 -5.65
N ARG A 21 -15.21 16.06 -4.43
CA ARG A 21 -16.49 16.69 -4.22
C ARG A 21 -16.52 18.05 -4.90
N HIS A 22 -15.46 18.83 -4.71
CA HIS A 22 -15.36 20.14 -5.33
C HIS A 22 -15.20 20.00 -6.83
N TYR A 23 -14.82 18.81 -7.28
CA TYR A 23 -14.63 18.54 -8.70
C TYR A 23 -15.95 18.71 -9.45
N PHE A 24 -16.87 17.78 -9.23
CA PHE A 24 -18.16 17.79 -9.89
C PHE A 24 -19.07 18.93 -9.38
N PHE A 25 -18.81 19.41 -8.16
CA PHE A 25 -19.64 20.45 -7.58
C PHE A 25 -19.04 21.85 -7.74
N GLN A 26 -17.73 21.95 -7.92
CA GLN A 26 -17.08 23.25 -8.05
C GLN A 26 -16.44 23.47 -9.42
N LEU A 27 -17.28 23.80 -10.40
CA LEU A 27 -16.81 24.08 -11.76
C LEU A 27 -17.61 25.24 -12.35
N GLN A 28 -17.32 25.59 -13.60
CA GLN A 28 -18.01 26.69 -14.26
C GLN A 28 -19.43 26.28 -14.65
N ASN A 29 -20.25 25.94 -13.64
CA ASN A 29 -21.64 25.52 -13.83
C ASN A 29 -21.79 24.01 -13.67
N ARG A 30 -21.29 23.26 -14.65
CA ARG A 30 -21.37 21.81 -14.62
C ARG A 30 -20.02 21.21 -15.00
N SER A 31 -19.35 20.59 -14.04
CA SER A 31 -18.04 19.98 -14.28
C SER A 31 -18.16 18.78 -15.22
N GLY A 32 -18.23 17.57 -14.66
CA GLY A 32 -18.34 16.38 -15.48
C GLY A 32 -17.61 15.19 -14.88
N GLN A 33 -18.32 14.08 -14.71
CA GLN A 33 -17.74 12.86 -14.15
C GLN A 33 -16.40 12.55 -14.79
N GLN A 34 -16.28 12.83 -16.08
CA GLN A 34 -15.04 12.58 -16.79
C GLN A 34 -13.90 13.38 -16.16
N ASP A 35 -14.15 14.67 -15.93
CA ASP A 35 -13.13 15.53 -15.32
C ASP A 35 -12.54 14.85 -14.11
N LEU A 36 -13.38 14.19 -13.33
CA LEU A 36 -12.93 13.46 -12.17
C LEU A 36 -11.86 12.47 -12.62
N ILE A 37 -12.21 11.66 -13.60
CA ILE A 37 -11.30 10.68 -14.15
C ILE A 37 -10.04 11.33 -14.69
N GLU A 38 -10.18 12.59 -15.11
CA GLU A 38 -9.04 13.36 -15.64
C GLU A 38 -7.89 13.39 -14.64
N TRP A 39 -8.22 13.63 -13.37
CA TRP A 39 -7.20 13.66 -12.32
C TRP A 39 -6.85 12.23 -11.88
N PHE A 40 -7.73 11.31 -12.27
CA PHE A 40 -7.53 9.90 -11.98
C PHE A 40 -6.47 9.35 -12.92
N ARG A 41 -6.69 9.55 -14.21
CA ARG A 41 -5.76 9.10 -15.24
C ARG A 41 -4.38 9.74 -15.04
N GLU A 42 -4.38 11.02 -14.66
CA GLU A 42 -3.13 11.76 -14.47
C GLU A 42 -2.45 11.43 -13.15
N LYS A 43 -3.21 10.99 -12.15
CA LYS A 43 -2.65 10.67 -10.85
C LYS A 43 -1.99 9.30 -10.84
N PHE A 44 -2.65 8.29 -11.41
CA PHE A 44 -2.10 6.94 -11.43
C PHE A 44 -2.11 6.33 -12.83
N GLY A 45 -2.38 7.16 -13.83
CA GLY A 45 -2.41 6.69 -15.20
C GLY A 45 -3.82 6.55 -15.74
N LYS A 46 -4.60 5.69 -15.08
CA LYS A 46 -5.98 5.44 -15.48
C LYS A 46 -6.50 4.16 -14.80
N ASP A 47 -7.55 4.31 -14.02
CA ASP A 47 -8.14 3.17 -13.32
C ASP A 47 -9.51 3.52 -12.75
N ILE A 48 -10.18 4.48 -13.39
CA ILE A 48 -11.50 4.90 -12.94
C ILE A 48 -12.39 5.25 -14.13
N SER A 49 -12.88 4.22 -14.83
CA SER A 49 -13.76 4.43 -15.97
C SER A 49 -15.20 4.68 -15.49
N GLN A 50 -15.34 5.66 -14.60
CA GLN A 50 -16.63 6.01 -14.01
C GLN A 50 -17.21 4.87 -13.14
N PRO A 51 -16.35 4.09 -12.44
CA PRO A 51 -16.80 3.00 -11.59
C PRO A 51 -16.91 3.39 -10.12
N SER A 52 -15.83 3.98 -9.58
CA SER A 52 -15.80 4.39 -8.19
C SER A 52 -16.06 5.88 -8.05
N VAL A 53 -16.04 6.60 -9.19
CA VAL A 53 -16.28 8.04 -9.18
C VAL A 53 -17.49 8.36 -8.30
N SER A 54 -18.44 7.43 -8.27
CA SER A 54 -19.64 7.58 -7.47
C SER A 54 -19.36 7.11 -6.04
N GLN A 55 -18.59 6.04 -5.93
CA GLN A 55 -18.23 5.49 -4.62
C GLN A 55 -17.44 6.51 -3.83
N ILE A 56 -16.40 7.07 -4.44
CA ILE A 56 -15.57 8.06 -3.78
C ILE A 56 -16.33 9.36 -3.54
N LEU A 57 -17.42 9.55 -4.29
CA LEU A 57 -18.24 10.75 -4.14
C LEU A 57 -19.17 10.59 -2.93
N SER A 58 -19.61 9.35 -2.69
CA SER A 58 -20.53 9.08 -1.60
C SER A 58 -19.85 8.28 -0.47
N SER A 59 -19.48 7.04 -0.76
CA SER A 59 -18.85 6.18 0.22
C SER A 59 -17.64 6.85 0.87
N LYS A 60 -16.53 6.90 0.14
CA LYS A 60 -15.31 7.50 0.66
C LYS A 60 -15.55 8.93 1.13
N TYR A 61 -16.56 9.57 0.53
CA TYR A 61 -16.89 10.93 0.90
C TYR A 61 -17.61 10.98 2.24
N SER A 62 -18.25 9.86 2.62
CA SER A 62 -18.96 9.79 3.89
C SER A 62 -17.98 9.50 5.01
N TYR A 63 -17.00 8.66 4.72
CA TYR A 63 -15.97 8.31 5.69
C TYR A 63 -15.31 9.57 6.23
N LEU A 64 -14.92 10.46 5.34
CA LEU A 64 -14.28 11.72 5.72
C LEU A 64 -15.33 12.77 6.08
N ASP A 65 -16.60 12.41 5.89
CA ASP A 65 -17.71 13.27 6.26
C ASP A 65 -18.10 13.03 7.71
N ASN A 66 -17.42 12.05 8.33
CA ASN A 66 -17.68 11.70 9.72
C ASN A 66 -16.51 12.08 10.63
N THR A 67 -15.29 12.03 10.10
CA THR A 67 -14.10 12.36 10.89
C THR A 67 -13.02 13.05 10.07
N VAL A 68 -11.91 13.38 10.73
CA VAL A 68 -10.79 14.07 10.07
C VAL A 68 -9.80 13.06 9.46
N GLU A 69 -8.52 13.49 9.31
CA GLU A 69 -7.50 12.62 8.72
C GLU A 69 -6.85 11.68 9.74
N LYS A 70 -7.42 11.61 10.93
CA LYS A 70 -6.88 10.75 11.98
C LYS A 70 -7.84 9.62 12.39
N PRO A 71 -8.67 9.08 11.46
CA PRO A 71 -9.60 8.01 11.77
C PRO A 71 -9.02 6.62 11.50
N TRP A 72 -8.89 6.25 10.22
CA TRP A 72 -8.38 4.93 9.85
C TRP A 72 -6.90 4.99 9.47
N ASP A 73 -6.62 5.42 8.23
CA ASP A 73 -5.25 5.50 7.74
C ASP A 73 -5.07 6.65 6.75
N VAL A 74 -5.96 7.64 6.83
CA VAL A 74 -5.89 8.81 5.95
C VAL A 74 -4.47 9.36 5.86
N LYS A 75 -3.67 9.12 6.90
CA LYS A 75 -2.29 9.59 6.92
C LYS A 75 -1.44 8.91 5.84
N ARG A 76 -1.26 7.60 5.96
CA ARG A 76 -0.45 6.85 4.99
C ARG A 76 -1.33 5.96 4.11
N ASN A 77 -0.70 5.26 3.16
CA ASN A 77 -1.42 4.37 2.25
C ASN A 77 -0.46 3.39 1.59
N ARG A 78 -0.79 2.94 0.38
CA ARG A 78 0.05 1.99 -0.37
C ARG A 78 0.59 0.88 0.54
N PRO A 79 -0.28 -0.07 0.93
CA PRO A 79 0.12 -1.18 1.81
C PRO A 79 0.72 -2.35 1.04
N PRO A 80 1.69 -3.07 1.66
CA PRO A 80 2.34 -4.22 1.02
C PRO A 80 1.34 -5.33 0.71
N LYS A 81 1.77 -6.58 0.81
CA LYS A 81 0.90 -7.72 0.54
C LYS A 81 0.82 -8.63 1.77
N TYR A 82 1.93 -8.74 2.48
CA TYR A 82 2.01 -9.57 3.68
C TYR A 82 2.40 -8.72 4.89
N PRO A 83 1.42 -8.20 5.64
CA PRO A 83 1.66 -7.36 6.82
C PRO A 83 2.21 -8.13 8.02
N LEU A 84 1.62 -9.28 8.32
CA LEU A 84 2.04 -10.10 9.45
C LEU A 84 3.29 -10.90 9.13
N LEU A 85 3.42 -11.34 7.89
CA LEU A 85 4.56 -12.11 7.46
C LEU A 85 5.85 -11.30 7.61
N GLU A 86 5.81 -10.05 7.18
CA GLU A 86 6.97 -9.17 7.27
C GLU A 86 7.45 -9.02 8.70
N ALA A 87 6.52 -8.74 9.61
CA ALA A 87 6.85 -8.58 11.02
C ALA A 87 7.57 -9.80 11.57
N ALA A 88 7.00 -10.97 11.30
CA ALA A 88 7.58 -12.22 11.77
C ALA A 88 8.82 -12.59 10.97
N LEU A 89 8.79 -12.33 9.67
CA LEU A 89 9.93 -12.64 8.83
C LEU A 89 11.08 -11.67 9.08
N PHE A 90 10.77 -10.58 9.80
CA PHE A 90 11.79 -9.62 10.16
C PHE A 90 12.65 -10.23 11.26
N GLU A 91 12.03 -10.40 12.43
CA GLU A 91 12.70 -10.97 13.59
C GLU A 91 13.70 -12.07 13.21
N TRP A 92 13.38 -12.83 12.16
CA TRP A 92 14.29 -13.90 11.71
C TRP A 92 15.49 -13.32 10.96
N GLN A 93 15.22 -12.35 10.08
CA GLN A 93 16.28 -11.71 9.31
C GLN A 93 17.27 -10.99 10.21
N VAL A 94 16.76 -10.15 11.10
CA VAL A 94 17.61 -9.41 12.03
C VAL A 94 18.62 -10.34 12.68
N GLN A 95 18.13 -11.46 13.17
CA GLN A 95 18.98 -12.46 13.80
C GLN A 95 19.91 -13.09 12.77
N GLN A 96 19.42 -13.18 11.54
CA GLN A 96 20.20 -13.75 10.44
C GLN A 96 20.76 -12.64 9.55
N GLY A 97 21.06 -11.50 10.16
CA GLY A 97 21.61 -10.38 9.43
C GLY A 97 23.04 -10.62 9.00
N ASP A 98 23.98 -10.26 9.86
CA ASP A 98 25.40 -10.44 9.57
C ASP A 98 25.81 -9.69 8.30
N ASP A 99 26.86 -10.16 7.65
CA ASP A 99 27.34 -9.53 6.42
C ASP A 99 26.61 -10.06 5.18
N ALA A 100 25.51 -10.76 5.41
CA ALA A 100 24.71 -11.33 4.32
C ALA A 100 24.54 -10.35 3.18
N THR A 101 24.05 -10.83 2.04
CA THR A 101 23.85 -9.99 0.87
C THR A 101 22.94 -10.68 -0.14
N LEU A 102 22.73 -10.03 -1.28
CA LEU A 102 21.88 -10.58 -2.34
C LEU A 102 20.48 -10.86 -1.81
N SER A 103 19.58 -9.88 -1.99
CA SER A 103 18.21 -10.02 -1.53
C SER A 103 17.46 -11.07 -2.35
N GLY A 104 16.31 -11.52 -1.84
CA GLY A 104 15.52 -12.51 -2.54
C GLY A 104 15.83 -13.93 -2.10
N GLU A 105 16.14 -14.78 -3.07
CA GLU A 105 16.46 -16.20 -2.81
C GLU A 105 17.25 -16.39 -1.52
N THR A 106 18.05 -15.39 -1.15
CA THR A 106 18.84 -15.46 0.08
C THR A 106 17.96 -15.90 1.24
N ILE A 107 16.68 -15.56 1.14
CA ILE A 107 15.72 -15.95 2.16
C ILE A 107 15.16 -17.32 1.79
N LYS A 108 14.53 -17.41 0.63
CA LYS A 108 13.93 -18.68 0.16
C LYS A 108 14.79 -19.88 0.56
N ARG A 109 16.09 -19.65 0.70
CA ARG A 109 17.01 -20.69 1.13
C ARG A 109 16.99 -20.77 2.65
N ALA A 110 17.13 -19.60 3.28
CA ALA A 110 17.13 -19.50 4.74
C ALA A 110 15.76 -19.81 5.33
N ALA A 111 14.71 -19.29 4.69
CA ALA A 111 13.35 -19.52 5.15
C ALA A 111 12.96 -20.98 4.99
N ALA A 112 13.11 -21.50 3.77
CA ALA A 112 12.78 -22.89 3.48
C ALA A 112 13.56 -23.85 4.38
N ILE A 113 14.72 -23.41 4.85
CA ILE A 113 15.53 -24.22 5.74
C ILE A 113 15.32 -23.80 7.19
N LEU A 114 14.76 -22.61 7.36
CA LEU A 114 14.49 -22.06 8.68
C LEU A 114 13.30 -22.77 9.32
N TRP A 115 12.24 -22.96 8.54
CA TRP A 115 11.04 -23.59 9.05
C TRP A 115 11.07 -25.12 8.91
N HIS A 116 11.98 -25.62 8.09
CA HIS A 116 12.09 -27.07 7.92
C HIS A 116 12.96 -27.69 9.00
N LYS A 117 14.05 -27.00 9.35
CA LYS A 117 14.98 -27.50 10.34
C LYS A 117 14.57 -27.18 11.77
N ILE A 118 13.70 -26.19 11.96
CA ILE A 118 13.27 -25.83 13.31
C ILE A 118 11.83 -25.31 13.30
N PRO A 119 10.85 -26.18 13.64
CA PRO A 119 9.43 -25.83 13.65
C PRO A 119 8.89 -25.42 15.02
N GLU A 120 9.77 -25.04 15.93
CA GLU A 120 9.35 -24.64 17.28
C GLU A 120 9.51 -23.13 17.48
N TYR A 121 10.38 -22.52 16.69
CA TYR A 121 10.62 -21.08 16.80
C TYR A 121 9.34 -20.30 16.56
N GLN A 122 8.58 -20.72 15.56
CA GLN A 122 7.31 -20.08 15.24
C GLN A 122 6.20 -21.12 15.17
N ASP A 123 6.52 -22.30 14.62
CA ASP A 123 5.57 -23.39 14.49
C ASP A 123 4.64 -23.17 13.29
N GLN A 124 5.23 -22.87 12.14
CA GLN A 124 4.47 -22.64 10.93
C GLN A 124 5.25 -23.12 9.71
N PRO A 125 5.14 -24.42 9.38
CA PRO A 125 5.85 -24.99 8.22
C PRO A 125 5.41 -24.37 6.90
N VAL A 126 6.09 -23.31 6.49
CA VAL A 126 5.77 -22.63 5.24
C VAL A 126 5.91 -23.57 4.04
N PRO A 127 5.21 -23.26 2.93
CA PRO A 127 5.26 -24.07 1.72
C PRO A 127 6.39 -23.64 0.79
N ASN A 128 6.21 -22.51 0.12
CA ASN A 128 7.21 -21.99 -0.81
C ASN A 128 6.98 -20.51 -1.07
N PHE A 129 6.69 -19.77 -0.01
CA PHE A 129 6.43 -18.34 -0.12
C PHE A 129 7.62 -17.59 -0.73
N SER A 130 7.34 -16.40 -1.27
CA SER A 130 8.37 -15.58 -1.88
C SER A 130 9.24 -14.94 -0.80
N ASN A 131 10.13 -14.04 -1.22
CA ASN A 131 11.01 -13.36 -0.26
C ASN A 131 10.80 -11.85 -0.29
N GLY A 132 10.03 -11.39 -1.28
CA GLY A 132 9.79 -9.96 -1.41
C GLY A 132 9.28 -9.31 -0.14
N TRP A 133 8.50 -10.05 0.63
CA TRP A 133 7.97 -9.48 1.88
C TRP A 133 9.12 -9.08 2.78
N LEU A 134 10.18 -9.90 2.78
CA LEU A 134 11.35 -9.59 3.58
C LEU A 134 12.03 -8.34 3.00
N GLU A 135 12.41 -8.44 1.73
CA GLU A 135 13.06 -7.33 1.04
C GLU A 135 12.26 -6.05 1.26
N GLY A 136 10.94 -6.20 1.28
CA GLY A 136 10.07 -5.06 1.49
C GLY A 136 10.37 -4.32 2.76
N PHE A 137 10.45 -5.06 3.87
CA PHE A 137 10.76 -4.43 5.15
C PHE A 137 12.25 -4.11 5.22
N ARG A 138 13.08 -5.05 4.79
CA ARG A 138 14.53 -4.84 4.80
C ARG A 138 14.90 -3.58 4.03
N LYS A 139 14.08 -3.20 3.06
CA LYS A 139 14.33 -2.00 2.28
C LYS A 139 13.59 -0.81 2.88
N ARG A 140 12.40 -1.08 3.41
CA ARG A 140 11.58 -0.02 4.00
C ARG A 140 11.83 0.10 5.51
N HIS A 141 12.94 -0.46 5.99
CA HIS A 141 13.27 -0.39 7.41
C HIS A 141 14.75 -0.65 7.68
N ILE A 142 15.31 -1.68 7.05
CA ILE A 142 16.72 -1.99 7.25
C ILE A 142 17.61 -1.29 6.23
N LEU A 143 17.04 -0.35 5.48
CA LEU A 143 17.80 0.39 4.48
C LEU A 143 18.49 -0.56 3.50
N HIS A 144 19.44 -0.03 2.74
CA HIS A 144 20.17 -0.83 1.76
C HIS A 144 20.88 -2.00 2.44
#